data_4DCH
#
_entry.id   4DCH
#
_cell.length_a   49.917
_cell.length_b   85.794
_cell.length_c   72.939
_cell.angle_alpha   90.000
_cell.angle_beta   104.400
_cell.angle_gamma   90.000
#
_symmetry.space_group_name_H-M   'P 1 21 1'
#
loop_
_entity.id
_entity.type
_entity.pdbx_description
1 polymer Glucokinase
2 non-polymer alpha-D-glucopyranose
3 non-polymer (2R)-3-cyclopentyl-2-[4-(methylsulfonyl)phenyl]-N-(1,3-thiazol-2-yl)propanamide
4 non-polymer 'IODIDE ION'
5 water water
#
_entity_poly.entity_id   1
_entity_poly.type   'polypeptide(L)'
_entity_poly.pdbx_seq_one_letter_code
;MLDDRARMEAAKKEKVEQILAEFQLQEEDLKKVMRRMQKEMDRGLRLETHEEASVKMLPTYVRSTPEGSEVGDFLSLDLG
GTNFRVMLVKVGEGEEGQWSVKTKHQMYSIPEDAMTGTAEMLFDYISECISDFLDKHQMKHKKLPLGFTFSFPVRHEDID
KGILLNWTKGFKASGAEGNNVVGLLRDAIKRRGDFEMDVVAMVNDTVATMISCYYEDHQCEVGMIVGTGCNACYMEEMQN
VELVEGDEGRMCVNTEWGAFGDSGELDEFLLEYDRLVDESSANPGQQLYEKLIGGKYMGELVRLVLLRLVDENLLFHGEA
SEQLRTRGAFETRFVSQVESDTGDRKQIYNILSTLGLRPSTTDCDIVRRACESVSTRAAHMCSAGLAGVINRMRESRSED
VMRITVGVDGSVYKLHPSFKERFHASVRRLTPSCEITFIESEEGSGRGAALVSAVACKKACMLGQLEHHHHHH
;
_entity_poly.pdbx_strand_id   A
#
# COMPACT_ATOMS: atom_id res chain seq x y z
N GLU A 9 12.72 -34.38 -20.04
CA GLU A 9 11.89 -34.86 -21.17
C GLU A 9 10.49 -34.24 -21.14
N ALA A 10 9.52 -34.92 -21.76
CA ALA A 10 8.15 -34.40 -21.87
C ALA A 10 7.35 -34.64 -20.59
N ALA A 11 7.61 -35.79 -19.94
CA ALA A 11 6.94 -36.16 -18.70
C ALA A 11 7.32 -35.18 -17.57
N LYS A 12 8.57 -34.73 -17.58
CA LYS A 12 9.06 -33.76 -16.60
C LYS A 12 8.38 -32.41 -16.77
N LYS A 13 8.25 -31.95 -18.01
CA LYS A 13 7.57 -30.70 -18.34
C LYS A 13 6.11 -30.72 -17.87
N GLU A 14 5.43 -31.82 -18.15
CA GLU A 14 4.05 -32.03 -17.74
C GLU A 14 3.89 -32.03 -16.23
N LYS A 15 4.86 -32.64 -15.54
CA LYS A 15 4.78 -32.72 -14.09
C LYS A 15 4.99 -31.35 -13.45
N VAL A 16 5.92 -30.58 -14.00
CA VAL A 16 6.14 -29.20 -13.51
C VAL A 16 4.82 -28.44 -13.62
N GLU A 17 4.19 -28.49 -14.80
CA GLU A 17 2.93 -27.74 -15.02
C GLU A 17 1.80 -28.24 -14.13
N GLN A 18 1.80 -29.53 -13.82
CA GLN A 18 0.78 -30.06 -12.91
C GLN A 18 0.93 -29.44 -11.52
N ILE A 19 2.18 -29.22 -11.10
CA ILE A 19 2.47 -28.65 -9.78
C ILE A 19 2.12 -27.16 -9.76
N LEU A 20 2.52 -26.46 -10.79
CA LEU A 20 2.25 -25.02 -10.92
C LEU A 20 0.79 -24.63 -11.11
N ALA A 21 0.01 -25.55 -11.71
CA ALA A 21 -1.44 -25.33 -11.89
C ALA A 21 -2.25 -25.28 -10.58
N GLU A 22 -1.69 -25.77 -9.47
CA GLU A 22 -2.37 -25.62 -8.16
C GLU A 22 -2.59 -24.15 -7.79
N PHE A 23 -1.77 -23.27 -8.37
CA PHE A 23 -1.90 -21.81 -8.14
C PHE A 23 -3.06 -21.15 -8.84
N GLN A 24 -3.62 -21.82 -9.86
CA GLN A 24 -4.69 -21.20 -10.65
C GLN A 24 -5.95 -20.92 -9.83
N LEU A 25 -6.60 -19.81 -10.12
CA LEU A 25 -7.87 -19.48 -9.50
C LEU A 25 -8.87 -19.16 -10.62
N GLN A 26 -9.97 -19.90 -10.63
CA GLN A 26 -10.99 -19.76 -11.68
C GLN A 26 -11.86 -18.52 -11.37
N GLU A 27 -12.50 -17.98 -12.39
CA GLU A 27 -13.46 -16.86 -12.21
C GLU A 27 -14.45 -17.15 -11.09
N GLU A 28 -14.98 -18.37 -11.06
CA GLU A 28 -15.89 -18.77 -10.00
C GLU A 28 -15.29 -18.78 -8.59
N ASP A 29 -14.01 -19.15 -8.48
CA ASP A 29 -13.26 -19.07 -7.21
C ASP A 29 -13.12 -17.61 -6.77
N LEU A 30 -12.85 -16.73 -7.73
CA LEU A 30 -12.65 -15.28 -7.42
C LEU A 30 -13.96 -14.60 -7.04
N LYS A 31 -15.06 -15.03 -7.67
CA LYS A 31 -16.40 -14.55 -7.28
C LYS A 31 -16.73 -14.94 -5.85
N LYS A 32 -16.34 -16.17 -5.46
CA LYS A 32 -16.49 -16.63 -4.07
C LYS A 32 -15.73 -15.75 -3.07
N VAL A 33 -14.43 -15.57 -3.32
CA VAL A 33 -13.58 -14.67 -2.52
C VAL A 33 -14.22 -13.27 -2.45
N MET A 34 -14.64 -12.74 -3.60
CA MET A 34 -15.28 -11.40 -3.72
C MET A 34 -16.52 -11.28 -2.82
N ARG A 35 -17.45 -12.24 -2.93
CA ARG A 35 -18.65 -12.23 -2.07
C ARG A 35 -18.30 -12.36 -0.58
N ARG A 36 -17.30 -13.20 -0.26
CA ARG A 36 -16.90 -13.35 1.13
C ARG A 36 -16.24 -12.05 1.65
N MET A 37 -15.50 -11.35 0.78
CA MET A 37 -14.97 -10.02 1.13
C MET A 37 -16.14 -9.07 1.45
N GLN A 38 -17.14 -9.01 0.58
CA GLN A 38 -18.29 -8.14 0.83
C GLN A 38 -18.93 -8.45 2.19
N LYS A 39 -19.00 -9.74 2.53
CA LYS A 39 -19.64 -10.18 3.76
C LYS A 39 -18.83 -9.78 5.00
N GLU A 40 -17.52 -9.88 4.90
CA GLU A 40 -16.59 -9.43 5.96
C GLU A 40 -16.53 -7.90 6.12
N MET A 41 -16.65 -7.17 5.03
CA MET A 41 -16.73 -5.70 5.11
C MET A 41 -17.96 -5.29 5.95
N ASP A 42 -19.11 -5.90 5.63
CA ASP A 42 -20.38 -5.64 6.35
C ASP A 42 -20.25 -5.90 7.85
N ARG A 43 -19.63 -7.03 8.21
CA ARG A 43 -19.31 -7.36 9.59
C ARG A 43 -18.44 -6.34 10.35
N GLY A 44 -17.40 -5.78 9.70
CA GLY A 44 -16.49 -4.85 10.38
C GLY A 44 -17.13 -3.47 10.64
N LEU A 45 -18.12 -3.15 9.82
CA LEU A 45 -18.83 -1.87 9.92
C LEU A 45 -19.92 -1.82 11.02
N ARG A 46 -20.45 -2.98 11.41
CA ARG A 46 -21.56 -3.07 12.37
C ARG A 46 -21.08 -3.12 13.81
N LEU A 47 -21.76 -2.40 14.69
CA LEU A 47 -21.35 -2.34 16.10
C LEU A 47 -21.36 -3.74 16.76
N GLU A 48 -22.33 -4.58 16.40
CA GLU A 48 -22.45 -5.88 17.06
C GLU A 48 -21.44 -6.97 16.64
N THR A 49 -20.86 -6.82 15.45
CA THR A 49 -19.87 -7.77 14.93
C THR A 49 -18.45 -7.16 14.77
N HIS A 50 -18.28 -5.88 15.08
CA HIS A 50 -16.98 -5.21 14.88
C HIS A 50 -15.82 -5.92 15.62
N GLU A 51 -16.07 -6.34 16.85
CA GLU A 51 -15.01 -7.01 17.63
C GLU A 51 -14.59 -8.38 17.08
N GLU A 52 -15.54 -9.21 16.62
CA GLU A 52 -15.17 -10.51 16.01
C GLU A 52 -14.71 -10.40 14.55
N ALA A 53 -15.05 -9.28 13.89
CA ALA A 53 -14.70 -9.11 12.47
C ALA A 53 -13.20 -9.26 12.23
N SER A 54 -12.83 -9.98 11.17
CA SER A 54 -11.43 -10.05 10.71
C SER A 54 -10.98 -8.72 10.02
N VAL A 55 -11.91 -8.16 9.26
CA VAL A 55 -11.71 -6.95 8.43
C VAL A 55 -12.32 -5.77 9.23
N LYS A 56 -11.44 -4.90 9.77
CA LYS A 56 -11.83 -3.98 10.82
C LYS A 56 -12.57 -2.72 10.33
N MET A 57 -12.39 -2.35 9.08
CA MET A 57 -13.19 -1.22 8.51
C MET A 57 -13.10 0.05 9.37
N LEU A 58 -11.86 0.52 9.59
CA LEU A 58 -11.59 1.62 10.55
C LEU A 58 -12.11 2.93 9.99
N PRO A 59 -12.96 3.62 10.75
CA PRO A 59 -13.29 5.00 10.32
C PRO A 59 -12.05 5.88 10.30
N THR A 60 -11.84 6.59 9.20
CA THR A 60 -10.65 7.45 9.12
C THR A 60 -10.93 8.92 9.53
N TYR A 61 -12.20 9.29 9.71
CA TYR A 61 -12.64 10.69 9.94
C TYR A 61 -12.37 11.65 8.77
N VAL A 62 -11.92 11.11 7.63
CA VAL A 62 -11.75 11.91 6.42
C VAL A 62 -13.07 11.92 5.65
N ARG A 63 -13.70 13.10 5.57
CA ARG A 63 -15.07 13.23 5.05
C ARG A 63 -15.03 13.72 3.62
N SER A 64 -16.08 13.44 2.84
CA SER A 64 -16.12 13.87 1.43
C SER A 64 -16.25 15.40 1.27
N THR A 65 -16.54 16.07 2.39
CA THR A 65 -16.68 17.54 2.43
C THR A 65 -15.55 18.18 3.26
N PRO A 66 -15.24 19.47 3.02
CA PRO A 66 -14.24 20.12 3.88
C PRO A 66 -14.62 20.17 5.37
N GLU A 67 -13.62 20.01 6.22
CA GLU A 67 -13.78 20.13 7.67
C GLU A 67 -12.56 20.86 8.20
N GLY A 68 -12.59 21.23 9.49
CA GLY A 68 -11.47 21.95 10.11
C GLY A 68 -11.19 23.30 9.49
N SER A 69 -12.24 24.12 9.32
CA SER A 69 -12.14 25.51 8.82
C SER A 69 -11.05 26.33 9.50
N GLU A 70 -10.88 26.08 10.79
CA GLU A 70 -9.99 26.83 11.65
C GLU A 70 -8.56 26.72 11.18
N VAL A 71 -8.23 25.59 10.55
CA VAL A 71 -6.89 25.40 9.99
C VAL A 71 -6.80 25.93 8.55
N GLY A 72 -6.25 27.14 8.40
CA GLY A 72 -6.07 27.74 7.08
C GLY A 72 -4.63 27.89 6.63
N ASP A 73 -3.69 27.62 7.54
CA ASP A 73 -2.25 27.74 7.30
C ASP A 73 -1.59 26.52 7.97
N PHE A 74 -0.65 25.88 7.29
CA PHE A 74 0.02 24.71 7.89
C PHE A 74 1.32 24.46 7.13
N LEU A 75 2.18 23.60 7.68
CA LEU A 75 3.43 23.17 7.01
C LEU A 75 3.27 21.74 6.52
N SER A 76 3.92 21.42 5.40
CA SER A 76 3.98 20.02 4.94
C SER A 76 5.44 19.70 4.73
N LEU A 77 5.90 18.54 5.23
CA LEU A 77 7.31 18.19 5.20
C LEU A 77 7.42 16.91 4.39
N ASP A 78 8.09 16.95 3.24
CA ASP A 78 8.16 15.80 2.35
C ASP A 78 9.53 15.18 2.44
N LEU A 79 9.55 13.92 2.83
CA LEU A 79 10.79 13.19 2.98
C LEU A 79 11.01 12.35 1.73
N GLY A 80 12.09 12.67 1.01
CA GLY A 80 12.48 11.97 -0.23
C GLY A 80 13.57 10.92 0.05
N GLY A 81 14.15 10.36 -1.00
CA GLY A 81 15.34 9.51 -0.82
C GLY A 81 16.50 10.16 -0.07
N THR A 82 16.99 11.30 -0.56
CA THR A 82 18.18 11.95 -0.01
C THR A 82 17.93 13.41 0.43
N ASN A 83 16.87 14.00 -0.08
CA ASN A 83 16.56 15.40 0.24
C ASN A 83 15.20 15.46 0.96
N PHE A 84 14.87 16.63 1.50
CA PHE A 84 13.52 16.86 2.05
C PHE A 84 13.04 18.25 1.70
N ARG A 85 11.73 18.45 1.73
CA ARG A 85 11.15 19.74 1.32
C ARG A 85 10.27 20.23 2.45
N VAL A 86 10.43 21.50 2.81
CA VAL A 86 9.52 22.17 3.76
C VAL A 86 8.62 23.05 2.91
N MET A 87 7.32 22.94 3.12
CA MET A 87 6.34 23.74 2.33
C MET A 87 5.33 24.42 3.28
N LEU A 88 5.16 25.72 3.10
CA LEU A 88 4.11 26.49 3.79
C LEU A 88 2.88 26.60 2.89
N VAL A 89 1.71 26.17 3.40
CA VAL A 89 0.47 26.12 2.60
C VAL A 89 -0.56 27.07 3.21
N LYS A 90 -1.21 27.87 2.36
CA LYS A 90 -2.28 28.75 2.80
C LYS A 90 -3.52 28.43 1.99
N VAL A 91 -4.57 28.07 2.73
CA VAL A 91 -5.87 27.76 2.14
C VAL A 91 -6.82 28.97 2.27
N GLY A 92 -7.27 29.44 1.11
CA GLY A 92 -8.18 30.60 1.05
C GLY A 92 -9.59 30.14 0.74
N GLU A 93 -10.56 30.72 1.44
CA GLU A 93 -11.96 30.37 1.24
C GLU A 93 -12.80 31.64 1.02
N GLY A 94 -12.23 32.55 0.22
CA GLY A 94 -12.88 33.82 -0.11
C GLY A 94 -14.04 33.66 -1.07
N GLY A 97 -15.91 29.18 -5.43
CA GLY A 97 -14.63 28.56 -5.14
C GLY A 97 -14.67 27.05 -5.08
N GLN A 98 -13.46 26.48 -4.96
CA GLN A 98 -13.15 25.11 -4.50
C GLN A 98 -11.72 25.18 -3.89
N TRP A 99 -11.57 25.66 -2.64
CA TRP A 99 -10.27 26.04 -1.96
C TRP A 99 -9.16 26.76 -2.78
N SER A 100 -8.72 27.95 -2.33
CA SER A 100 -7.61 28.71 -2.99
C SER A 100 -6.23 28.52 -2.29
N VAL A 101 -5.33 27.77 -2.94
CA VAL A 101 -4.08 27.35 -2.27
C VAL A 101 -2.83 28.04 -2.79
N LYS A 102 -2.14 28.75 -1.90
CA LYS A 102 -0.84 29.24 -2.21
C LYS A 102 0.16 28.33 -1.52
N THR A 103 1.26 28.02 -2.21
CA THR A 103 2.34 27.28 -1.58
C THR A 103 3.64 28.06 -1.73
N LYS A 104 4.52 27.97 -0.74
CA LYS A 104 5.88 28.50 -0.77
C LYS A 104 6.75 27.38 -0.21
N HIS A 105 7.89 27.09 -0.81
CA HIS A 105 8.64 25.90 -0.33
C HIS A 105 10.14 26.06 -0.46
N GLN A 106 10.88 25.09 0.11
CA GLN A 106 12.32 25.04 0.00
C GLN A 106 12.79 23.59 0.10
N MET A 107 13.66 23.16 -0.82
CA MET A 107 14.26 21.82 -0.76
C MET A 107 15.57 21.92 0.02
N TYR A 108 15.87 20.89 0.79
CA TYR A 108 17.11 20.85 1.60
C TYR A 108 17.81 19.53 1.29
N SER A 109 19.10 19.61 1.04
CA SER A 109 19.92 18.40 0.94
C SER A 109 20.80 18.34 2.20
N ILE A 110 21.21 17.13 2.59
CA ILE A 110 22.02 16.94 3.80
C ILE A 110 23.49 17.25 3.47
N PRO A 111 24.12 18.21 4.20
CA PRO A 111 25.52 18.45 3.83
C PRO A 111 26.37 17.23 4.20
N GLU A 112 27.45 16.98 3.46
CA GLU A 112 28.22 15.74 3.73
C GLU A 112 28.84 15.76 5.13
N ASP A 113 29.13 16.96 5.63
CA ASP A 113 29.72 17.16 6.97
C ASP A 113 28.72 17.08 8.12
N ALA A 114 27.41 17.06 7.80
CA ALA A 114 26.41 16.92 8.86
C ALA A 114 26.46 15.54 9.50
N MET A 115 26.15 15.46 10.79
CA MET A 115 26.07 14.19 11.51
C MET A 115 24.64 13.66 11.36
N THR A 116 24.49 12.52 10.69
CA THR A 116 23.17 11.93 10.43
C THR A 116 23.13 10.42 10.71
N GLY A 117 24.12 9.95 11.47
CA GLY A 117 24.25 8.53 11.84
C GLY A 117 23.07 7.92 12.59
N THR A 118 22.38 8.73 13.37
CA THR A 118 21.17 8.25 14.06
C THR A 118 19.95 9.05 13.60
N ALA A 119 18.76 8.48 13.81
CA ALA A 119 17.51 9.16 13.48
C ALA A 119 17.43 10.51 14.23
N GLU A 120 17.84 10.50 15.50
CA GLU A 120 17.82 11.70 16.33
C GLU A 120 18.70 12.80 15.71
N MET A 121 19.88 12.43 15.22
CA MET A 121 20.80 13.34 14.59
C MET A 121 20.19 13.96 13.32
N LEU A 122 19.60 13.10 12.48
CA LEU A 122 18.91 13.55 11.27
C LEU A 122 17.77 14.53 11.58
N PHE A 123 16.94 14.21 12.56
CA PHE A 123 15.84 15.10 12.92
C PHE A 123 16.28 16.40 13.60
N ASP A 124 17.43 16.38 14.28
CA ASP A 124 18.05 17.63 14.71
C ASP A 124 18.32 18.54 13.54
N TYR A 125 18.91 17.99 12.46
CA TYR A 125 19.18 18.75 11.25
C TYR A 125 17.88 19.26 10.61
N ILE A 126 16.90 18.38 10.48
CA ILE A 126 15.60 18.75 9.91
C ILE A 126 14.95 19.90 10.70
N SER A 127 14.93 19.78 12.02
CA SER A 127 14.36 20.83 12.91
C SER A 127 15.03 22.17 12.70
N GLU A 128 16.34 22.15 12.46
CA GLU A 128 17.13 23.38 12.22
C GLU A 128 16.73 24.06 10.91
N CYS A 129 16.52 23.24 9.88
CA CYS A 129 16.00 23.77 8.60
C CYS A 129 14.56 24.33 8.72
N ILE A 130 13.70 23.64 9.45
CA ILE A 130 12.36 24.14 9.71
C ILE A 130 12.42 25.51 10.40
N SER A 131 13.30 25.61 11.40
CA SER A 131 13.53 26.86 12.12
C SER A 131 13.92 28.01 11.17
N ASP A 132 14.90 27.76 10.31
CA ASP A 132 15.34 28.74 9.30
C ASP A 132 14.21 29.15 8.35
N PHE A 133 13.42 28.17 7.94
CA PHE A 133 12.33 28.36 7.00
C PHE A 133 11.27 29.24 7.66
N LEU A 134 10.96 28.94 8.93
CA LEU A 134 9.93 29.68 9.68
C LEU A 134 10.34 31.14 9.88
N ASP A 135 11.66 31.34 10.04
CA ASP A 135 12.25 32.69 10.13
C ASP A 135 12.12 33.45 8.79
N LYS A 136 12.56 32.83 7.71
CA LYS A 136 12.50 33.43 6.36
C LYS A 136 11.11 33.91 5.97
N HIS A 137 10.08 33.23 6.49
CA HIS A 137 8.69 33.53 6.17
C HIS A 137 7.92 34.21 7.32
N GLN A 138 8.61 34.47 8.44
CA GLN A 138 7.99 35.13 9.60
C GLN A 138 6.77 34.38 10.17
N MET A 139 6.89 33.06 10.34
CA MET A 139 5.76 32.23 10.78
C MET A 139 5.99 31.50 12.11
N LYS A 140 7.10 31.80 12.78
CA LYS A 140 7.46 31.16 14.06
C LYS A 140 6.45 31.26 15.21
N HIS A 141 5.85 32.44 15.39
CA HIS A 141 4.91 32.63 16.52
C HIS A 141 3.56 32.00 16.22
N LYS A 142 3.28 31.70 14.95
CA LYS A 142 1.98 31.16 14.58
C LYS A 142 1.73 29.73 15.10
N LYS A 143 2.81 29.06 15.50
CA LYS A 143 2.75 27.68 16.00
C LYS A 143 1.85 26.79 15.13
N LEU A 144 2.21 26.72 13.85
CA LEU A 144 1.46 25.99 12.84
C LEU A 144 1.42 24.48 13.06
N PRO A 145 0.37 23.82 12.56
CA PRO A 145 0.43 22.36 12.46
C PRO A 145 1.33 21.97 11.30
N LEU A 146 1.92 20.78 11.42
CA LEU A 146 2.76 20.26 10.36
C LEU A 146 2.38 18.80 10.10
N GLY A 147 2.24 18.44 8.80
CA GLY A 147 2.08 17.03 8.40
C GLY A 147 3.24 16.51 7.57
N PHE A 148 3.47 15.19 7.64
CA PHE A 148 4.46 14.50 6.78
C PHE A 148 3.88 13.91 5.53
N THR A 149 4.68 13.92 4.47
CA THR A 149 4.39 13.14 3.27
C THR A 149 5.69 12.44 2.87
N PHE A 150 5.59 11.39 2.05
CA PHE A 150 6.81 10.69 1.58
C PHE A 150 6.90 10.63 0.07
N SER A 151 8.11 10.74 -0.47
CA SER A 151 8.30 10.56 -1.91
C SER A 151 9.53 9.71 -2.22
N PHE A 152 9.62 8.56 -1.55
CA PHE A 152 10.75 7.63 -1.76
C PHE A 152 10.76 7.04 -3.19
N PRO A 153 11.97 6.81 -3.75
CA PRO A 153 12.06 6.17 -5.07
C PRO A 153 11.56 4.73 -5.00
N ASN A 179 10.60 3.53 16.43
CA ASN A 179 10.88 4.84 15.82
C ASN A 179 9.85 5.23 14.73
N ASN A 180 9.14 6.33 14.96
CA ASN A 180 8.18 6.89 13.99
C ASN A 180 8.50 8.38 13.73
N VAL A 181 8.44 8.80 12.46
CA VAL A 181 8.83 10.17 12.11
C VAL A 181 8.09 11.27 12.89
N VAL A 182 6.81 11.04 13.24
CA VAL A 182 6.06 12.02 14.03
C VAL A 182 6.71 12.20 15.42
N GLY A 183 7.05 11.08 16.06
CA GLY A 183 7.71 11.11 17.36
C GLY A 183 9.09 11.72 17.32
N LEU A 184 9.89 11.33 16.31
CA LEU A 184 11.24 11.85 16.15
C LEU A 184 11.27 13.36 15.97
N LEU A 185 10.36 13.87 15.15
CA LEU A 185 10.30 15.31 14.92
C LEU A 185 9.81 16.08 16.16
N ARG A 186 8.78 15.55 16.81
CA ARG A 186 8.29 16.15 18.04
C ARG A 186 9.42 16.24 19.06
N ASP A 187 10.18 15.16 19.21
CA ASP A 187 11.31 15.14 20.17
C ASP A 187 12.41 16.11 19.80
N ALA A 188 12.71 16.22 18.50
CA ALA A 188 13.80 17.10 18.06
C ALA A 188 13.44 18.57 18.20
N ILE A 189 12.17 18.91 17.99
CA ILE A 189 11.72 20.28 18.11
C ILE A 189 11.79 20.74 19.59
N LYS A 190 11.37 19.85 20.50
CA LYS A 190 11.47 20.06 21.97
C LYS A 190 12.94 20.29 22.41
N ARG A 191 13.87 19.48 21.89
CA ARG A 191 15.31 19.67 22.15
C ARG A 191 15.81 21.05 21.78
N ARG A 192 15.30 21.57 20.68
CA ARG A 192 15.66 22.90 20.21
C ARG A 192 15.12 23.97 21.13
N GLY A 193 13.86 23.82 21.51
CA GLY A 193 13.19 24.75 22.41
C GLY A 193 12.94 26.17 21.92
N ASP A 194 13.32 26.52 20.70
CA ASP A 194 13.10 27.90 20.21
C ASP A 194 11.77 28.16 19.47
N PHE A 195 11.03 27.10 19.13
CA PHE A 195 9.70 27.24 18.50
C PHE A 195 8.77 26.09 18.86
N GLU A 196 7.46 26.33 18.77
CA GLU A 196 6.49 25.29 18.99
C GLU A 196 5.70 25.01 17.71
N MET A 197 5.32 23.76 17.52
CA MET A 197 4.47 23.34 16.38
C MET A 197 3.58 22.22 16.84
N ASP A 198 2.46 22.03 16.17
CA ASP A 198 1.71 20.80 16.31
C ASP A 198 2.07 19.83 15.18
N VAL A 199 2.82 18.79 15.49
CA VAL A 199 3.11 17.76 14.49
C VAL A 199 1.96 16.77 14.51
N VAL A 200 1.19 16.71 13.44
CA VAL A 200 -0.04 15.90 13.43
C VAL A 200 0.18 14.42 12.99
N ALA A 201 -0.73 13.55 13.38
CA ALA A 201 -0.67 12.14 13.02
C ALA A 201 -0.78 11.94 11.51
N MET A 202 -0.12 10.94 10.98
CA MET A 202 -0.20 10.73 9.54
C MET A 202 -1.50 10.01 9.27
N VAL A 203 -2.05 10.13 8.07
CA VAL A 203 -3.10 9.23 7.61
C VAL A 203 -2.47 7.93 7.11
N ASN A 204 -3.28 6.88 7.04
CA ASN A 204 -2.83 5.57 6.51
C ASN A 204 -2.32 5.77 5.07
N ASP A 205 -1.35 4.98 4.64
CA ASP A 205 -0.85 5.09 3.28
C ASP A 205 -1.91 4.94 2.19
N THR A 206 -2.91 4.06 2.38
CA THR A 206 -4.00 3.90 1.39
C THR A 206 -4.77 5.26 1.27
N VAL A 207 -4.95 5.90 2.41
CA VAL A 207 -5.69 7.16 2.48
C VAL A 207 -4.90 8.30 1.83
N ALA A 208 -3.59 8.37 2.12
CA ALA A 208 -2.68 9.34 1.39
C ALA A 208 -2.78 9.13 -0.13
N THR A 209 -2.75 7.86 -0.54
CA THR A 209 -2.90 7.50 -1.95
C THR A 209 -4.25 7.98 -2.53
N MET A 210 -5.36 7.74 -1.82
CA MET A 210 -6.68 8.21 -2.29
C MET A 210 -6.72 9.76 -2.40
N ILE A 211 -6.24 10.43 -1.37
CA ILE A 211 -6.26 11.91 -1.36
C ILE A 211 -5.34 12.52 -2.45
N SER A 212 -4.13 11.99 -2.61
CA SER A 212 -3.22 12.52 -3.64
C SER A 212 -3.79 12.28 -5.05
N CYS A 213 -4.44 11.15 -5.23
CA CYS A 213 -5.07 10.86 -6.52
C CYS A 213 -6.33 11.71 -6.74
N TYR A 214 -7.11 11.90 -5.68
CA TYR A 214 -8.31 12.76 -5.71
C TYR A 214 -7.93 14.17 -6.18
N TYR A 215 -6.77 14.67 -5.74
CA TYR A 215 -6.31 16.01 -6.17
C TYR A 215 -6.34 16.11 -7.71
N GLU A 216 -5.85 15.06 -8.37
CA GLU A 216 -5.78 14.97 -9.84
C GLU A 216 -7.10 14.56 -10.53
N ASP A 217 -7.95 13.81 -9.83
CA ASP A 217 -9.21 13.30 -10.38
C ASP A 217 -10.24 13.19 -9.26
N HIS A 218 -11.17 14.17 -9.21
CA HIS A 218 -12.21 14.16 -8.17
C HIS A 218 -13.11 12.90 -8.12
N GLN A 219 -13.07 12.07 -9.14
CA GLN A 219 -13.84 10.81 -9.12
C GLN A 219 -13.09 9.70 -8.35
N CYS A 220 -11.92 10.03 -7.83
CA CYS A 220 -11.17 9.05 -7.02
C CYS A 220 -11.77 8.87 -5.63
N GLU A 221 -12.35 7.69 -5.36
CA GLU A 221 -12.97 7.40 -4.06
C GLU A 221 -12.50 6.06 -3.48
N VAL A 222 -11.44 5.50 -4.07
CA VAL A 222 -10.79 4.26 -3.55
C VAL A 222 -9.26 4.48 -3.60
N GLY A 223 -8.54 4.13 -2.51
CA GLY A 223 -7.09 4.12 -2.47
C GLY A 223 -6.60 2.70 -2.18
N MET A 224 -5.60 2.22 -2.91
CA MET A 224 -5.07 0.85 -2.64
C MET A 224 -3.55 0.82 -2.69
N ILE A 225 -2.95 -0.05 -1.86
CA ILE A 225 -1.51 -0.19 -1.81
C ILE A 225 -1.21 -1.69 -2.08
N VAL A 226 -0.33 -1.98 -3.04
CA VAL A 226 0.13 -3.34 -3.23
C VAL A 226 1.65 -3.24 -3.21
N GLY A 227 2.20 -3.29 -2.00
CA GLY A 227 3.63 -3.16 -1.79
C GLY A 227 4.13 -4.35 -0.98
N THR A 228 4.95 -4.08 0.04
CA THR A 228 5.30 -5.08 1.07
C THR A 228 4.03 -5.68 1.69
N GLY A 229 3.12 -4.78 2.07
CA GLY A 229 1.79 -5.17 2.50
C GLY A 229 0.73 -4.79 1.46
N CYS A 230 -0.52 -5.10 1.77
CA CYS A 230 -1.64 -4.83 0.86
C CYS A 230 -2.91 -4.42 1.62
N ASN A 231 -3.51 -3.31 1.19
CA ASN A 231 -4.68 -2.78 1.92
C ASN A 231 -5.43 -1.82 0.97
N ALA A 232 -6.65 -1.43 1.37
CA ALA A 232 -7.43 -0.52 0.56
C ALA A 232 -8.32 0.30 1.45
N CYS A 233 -8.62 1.50 0.97
CA CYS A 233 -9.61 2.36 1.62
C CYS A 233 -10.64 2.84 0.57
N TYR A 234 -11.81 3.29 1.03
CA TYR A 234 -12.87 3.68 0.08
C TYR A 234 -13.86 4.64 0.80
N MET A 235 -14.66 5.35 0.01
CA MET A 235 -15.63 6.28 0.60
C MET A 235 -16.97 5.57 0.84
N GLU A 236 -17.30 5.39 2.11
CA GLU A 236 -18.52 4.72 2.57
C GLU A 236 -19.62 5.75 2.95
N GLU A 237 -20.87 5.34 2.82
CA GLU A 237 -22.02 6.12 3.31
C GLU A 237 -21.97 6.23 4.83
N MET A 238 -22.08 7.46 5.36
CA MET A 238 -22.05 7.69 6.81
C MET A 238 -23.00 6.81 7.57
N GLN A 239 -24.20 6.59 7.02
CA GLN A 239 -25.19 5.81 7.75
C GLN A 239 -24.72 4.35 7.96
N ASN A 240 -23.81 3.88 7.09
CA ASN A 240 -23.26 2.51 7.20
C ASN A 240 -22.10 2.37 8.19
N VAL A 241 -21.45 3.49 8.49
CA VAL A 241 -20.35 3.53 9.46
C VAL A 241 -20.98 3.66 10.86
N GLU A 242 -21.34 2.53 11.46
CA GLU A 242 -22.01 2.53 12.81
C GLU A 242 -21.13 3.03 13.97
N LEU A 243 -19.81 3.00 13.78
CA LEU A 243 -18.85 3.45 14.78
C LEU A 243 -18.78 4.97 14.92
N VAL A 244 -19.38 5.69 13.98
CA VAL A 244 -19.41 7.16 14.08
C VAL A 244 -20.83 7.72 14.13
N GLU A 245 -20.96 8.93 14.70
CA GLU A 245 -22.22 9.65 14.75
C GLU A 245 -22.43 10.42 13.45
N GLY A 246 -23.59 10.22 12.85
CA GLY A 246 -24.00 11.01 11.69
C GLY A 246 -24.47 10.10 10.59
N ASP A 247 -25.56 10.49 9.92
CA ASP A 247 -26.11 9.67 8.84
C ASP A 247 -26.05 10.31 7.45
N GLU A 248 -25.46 11.50 7.36
CA GLU A 248 -25.40 12.22 6.11
C GLU A 248 -23.96 12.29 5.58
N GLY A 249 -23.77 12.14 4.28
CA GLY A 249 -22.45 12.31 3.68
C GLY A 249 -21.69 10.98 3.57
N ARG A 250 -20.40 11.10 3.27
CA ARG A 250 -19.47 9.94 3.12
C ARG A 250 -18.23 10.13 3.96
N MET A 251 -17.65 9.00 4.39
CA MET A 251 -16.38 9.06 5.13
C MET A 251 -15.49 7.93 4.60
N CYS A 252 -14.21 8.21 4.44
CA CYS A 252 -13.26 7.20 4.05
C CYS A 252 -13.14 6.13 5.14
N VAL A 253 -13.11 4.88 4.71
CA VAL A 253 -12.96 3.75 5.63
C VAL A 253 -11.69 2.98 5.22
N ASN A 254 -10.84 2.70 6.20
CA ASN A 254 -9.58 1.97 6.01
C ASN A 254 -9.90 0.50 6.31
N THR A 255 -10.02 -0.31 5.26
CA THR A 255 -10.51 -1.69 5.47
C THR A 255 -9.58 -2.51 6.38
N GLU A 256 -8.25 -2.30 6.25
CA GLU A 256 -7.25 -3.23 6.83
C GLU A 256 -7.52 -4.64 6.40
N TRP A 257 -7.74 -4.80 5.09
CA TRP A 257 -8.19 -6.08 4.55
C TRP A 257 -7.11 -7.16 4.54
N GLY A 258 -5.88 -6.80 4.92
CA GLY A 258 -4.81 -7.81 4.90
C GLY A 258 -5.15 -8.93 5.88
N ALA A 259 -5.99 -8.63 6.86
CA ALA A 259 -6.42 -9.64 7.83
C ALA A 259 -7.65 -10.49 7.41
N PHE A 260 -8.21 -10.24 6.24
CA PHE A 260 -9.24 -11.11 5.63
C PHE A 260 -8.68 -12.55 5.61
N GLY A 261 -9.50 -13.54 5.96
CA GLY A 261 -9.06 -14.94 6.02
C GLY A 261 -8.75 -15.33 7.42
N ASP A 262 -8.64 -14.30 8.27
CA ASP A 262 -8.23 -14.60 9.63
C ASP A 262 -9.32 -15.28 10.47
N SER A 263 -10.56 -15.29 9.94
CA SER A 263 -11.64 -16.11 10.49
C SER A 263 -11.89 -17.41 9.68
N GLY A 264 -10.92 -17.82 8.85
CA GLY A 264 -10.99 -19.09 8.06
C GLY A 264 -11.56 -18.97 6.63
N GLU A 265 -11.86 -17.73 6.21
CA GLU A 265 -12.54 -17.45 4.94
C GLU A 265 -11.82 -17.96 3.67
N LEU A 266 -10.51 -18.18 3.75
CA LEU A 266 -9.65 -18.49 2.59
C LEU A 266 -9.08 -19.91 2.62
N ASP A 267 -9.43 -20.65 3.66
CA ASP A 267 -8.82 -21.95 3.90
C ASP A 267 -8.80 -22.91 2.70
N GLU A 268 -9.90 -22.96 1.95
CA GLU A 268 -9.96 -23.87 0.79
C GLU A 268 -8.99 -23.51 -0.35
N PHE A 269 -8.50 -22.27 -0.36
CA PHE A 269 -7.54 -21.85 -1.36
C PHE A 269 -6.07 -21.96 -0.93
N LEU A 270 -5.83 -22.12 0.37
CA LEU A 270 -4.46 -22.19 0.89
C LEU A 270 -3.76 -23.46 0.41
N LEU A 271 -2.53 -23.27 -0.07
CA LEU A 271 -1.65 -24.32 -0.55
C LEU A 271 -0.61 -24.65 0.49
N GLU A 272 0.14 -25.74 0.27
CA GLU A 272 1.22 -26.14 1.16
C GLU A 272 2.23 -24.98 1.40
N TYR A 273 2.54 -24.21 0.34
CA TYR A 273 3.52 -23.12 0.41
C TYR A 273 3.02 -21.98 1.34
N ASP A 274 1.71 -21.76 1.32
CA ASP A 274 1.09 -20.71 2.13
C ASP A 274 1.15 -21.11 3.59
N ARG A 275 0.93 -22.39 3.84
CA ARG A 275 0.96 -22.90 5.20
C ARG A 275 2.37 -22.78 5.79
N LEU A 276 3.39 -23.05 4.97
CA LEU A 276 4.78 -22.90 5.39
C LEU A 276 5.19 -21.45 5.64
N VAL A 277 4.78 -20.56 4.75
CA VAL A 277 5.03 -19.15 4.92
C VAL A 277 4.40 -18.66 6.24
N ASP A 278 3.17 -19.10 6.47
CA ASP A 278 2.45 -18.72 7.67
C ASP A 278 3.19 -19.21 8.93
N GLU A 279 3.59 -20.46 8.90
CA GLU A 279 4.21 -21.12 10.06
C GLU A 279 5.51 -20.42 10.50
N SER A 280 6.30 -19.98 9.53
CA SER A 280 7.59 -19.35 9.82
C SER A 280 7.51 -17.84 9.99
N SER A 281 6.29 -17.30 9.89
CA SER A 281 6.09 -15.85 9.99
C SER A 281 6.11 -15.39 11.46
N ALA A 282 6.11 -14.08 11.65
CA ALA A 282 6.08 -13.45 12.98
C ALA A 282 4.70 -13.56 13.62
N ASN A 283 3.67 -13.75 12.78
CA ASN A 283 2.29 -13.78 13.25
C ASN A 283 1.47 -14.97 12.69
N PRO A 284 1.84 -16.25 12.97
CA PRO A 284 1.08 -17.36 12.34
C PRO A 284 -0.41 -17.35 12.67
N GLY A 285 -1.24 -17.56 11.65
CA GLY A 285 -2.68 -17.48 11.76
C GLY A 285 -3.26 -16.12 11.37
N GLN A 286 -2.42 -15.10 11.24
CA GLN A 286 -2.92 -13.74 10.99
C GLN A 286 -2.44 -13.15 9.68
N GLN A 287 -3.16 -12.14 9.19
CA GLN A 287 -2.86 -11.46 7.92
C GLN A 287 -2.81 -12.47 6.75
N LEU A 288 -3.68 -13.48 6.77
CA LEU A 288 -3.56 -14.52 5.72
C LEU A 288 -3.78 -14.02 4.29
N TYR A 289 -4.71 -13.08 4.10
CA TYR A 289 -4.93 -12.51 2.75
C TYR A 289 -3.69 -11.77 2.25
N GLU A 290 -3.12 -10.93 3.13
CA GLU A 290 -1.89 -10.22 2.84
C GLU A 290 -0.73 -11.18 2.49
N LYS A 291 -0.65 -12.31 3.18
CA LYS A 291 0.36 -13.34 2.87
C LYS A 291 0.25 -13.98 1.46
N LEU A 292 -0.92 -13.87 0.84
CA LEU A 292 -1.13 -14.34 -0.53
C LEU A 292 -0.71 -13.34 -1.59
N ILE A 293 -0.59 -12.08 -1.18
CA ILE A 293 -0.46 -11.01 -2.16
C ILE A 293 0.80 -10.17 -1.97
N GLY A 294 1.10 -9.82 -0.72
CA GLY A 294 2.12 -8.81 -0.39
C GLY A 294 3.54 -9.16 -0.79
N GLY A 295 4.32 -8.12 -1.12
CA GLY A 295 5.73 -8.29 -1.44
C GLY A 295 6.59 -8.83 -0.27
N LYS A 296 6.11 -8.69 0.96
CA LYS A 296 6.82 -9.27 2.09
C LYS A 296 7.03 -10.79 1.91
N TYR A 297 6.08 -11.46 1.26
CA TYR A 297 6.06 -12.95 1.20
C TYR A 297 6.23 -13.54 -0.20
N MET A 298 6.12 -12.72 -1.25
CA MET A 298 5.96 -13.22 -2.63
C MET A 298 7.21 -13.99 -3.06
N GLY A 299 8.38 -13.42 -2.79
CA GLY A 299 9.65 -14.10 -3.09
C GLY A 299 9.83 -15.40 -2.31
N GLU A 300 9.43 -15.40 -1.04
CA GLU A 300 9.48 -16.62 -0.20
C GLU A 300 8.55 -17.75 -0.71
N LEU A 301 7.37 -17.39 -1.20
CA LEU A 301 6.50 -18.36 -1.89
C LEU A 301 7.20 -19.04 -3.07
N VAL A 302 7.80 -18.24 -3.94
CA VAL A 302 8.56 -18.74 -5.09
C VAL A 302 9.71 -19.63 -4.56
N ARG A 303 10.46 -19.18 -3.57
CA ARG A 303 11.53 -20.04 -2.98
C ARG A 303 10.99 -21.43 -2.62
N LEU A 304 9.85 -21.50 -1.92
CA LEU A 304 9.31 -22.80 -1.51
C LEU A 304 8.79 -23.66 -2.69
N VAL A 305 8.22 -23.02 -3.70
CA VAL A 305 7.90 -23.73 -4.94
C VAL A 305 9.16 -24.34 -5.60
N LEU A 306 10.22 -23.55 -5.69
CA LEU A 306 11.46 -24.03 -6.30
C LEU A 306 12.01 -25.22 -5.51
N LEU A 307 12.03 -25.13 -4.19
CA LEU A 307 12.45 -26.28 -3.36
C LEU A 307 11.60 -27.54 -3.57
N ARG A 308 10.29 -27.40 -3.79
CA ARG A 308 9.45 -28.56 -4.09
C ARG A 308 9.84 -29.21 -5.43
N LEU A 309 10.05 -28.38 -6.46
CA LEU A 309 10.45 -28.89 -7.77
C LEU A 309 11.85 -29.56 -7.70
N VAL A 310 12.76 -28.97 -6.92
CA VAL A 310 14.03 -29.63 -6.62
C VAL A 310 13.80 -31.00 -5.92
N ASP A 311 12.98 -31.05 -4.86
CA ASP A 311 12.73 -32.32 -4.16
C ASP A 311 12.15 -33.39 -5.10
N GLU A 312 11.42 -32.96 -6.12
CA GLU A 312 10.81 -33.91 -7.05
C GLU A 312 11.74 -34.25 -8.22
N ASN A 313 12.98 -33.78 -8.15
CA ASN A 313 13.99 -33.97 -9.20
C ASN A 313 13.56 -33.35 -10.54
N LEU A 314 12.88 -32.22 -10.47
CA LEU A 314 12.36 -31.55 -11.68
C LEU A 314 13.14 -30.27 -11.99
N LEU A 315 14.05 -29.89 -11.10
CA LEU A 315 14.77 -28.63 -11.21
C LEU A 315 16.16 -28.72 -10.61
N PHE A 316 17.13 -28.06 -11.25
CA PHE A 316 18.54 -27.98 -10.82
C PHE A 316 19.16 -29.36 -10.57
N HIS A 317 18.76 -30.34 -11.38
CA HIS A 317 19.25 -31.72 -11.24
C HIS A 317 18.98 -32.25 -9.83
N GLY A 318 17.94 -31.73 -9.18
CA GLY A 318 17.54 -32.19 -7.87
C GLY A 318 18.47 -31.79 -6.73
N GLU A 319 19.30 -30.78 -6.96
CA GLU A 319 20.17 -30.24 -5.92
C GLU A 319 20.03 -28.73 -5.71
N ALA A 320 19.57 -28.35 -4.52
CA ALA A 320 19.50 -26.94 -4.16
C ALA A 320 20.80 -26.51 -3.51
N SER A 321 21.13 -25.23 -3.59
CA SER A 321 22.27 -24.68 -2.90
C SER A 321 21.91 -24.36 -1.44
N GLU A 322 22.93 -24.02 -0.65
CA GLU A 322 22.75 -23.57 0.72
C GLU A 322 21.91 -22.28 0.72
N GLN A 323 22.25 -21.36 -0.17
CA GLN A 323 21.48 -20.11 -0.30
C GLN A 323 20.00 -20.32 -0.59
N LEU A 324 19.68 -21.22 -1.53
CA LEU A 324 18.28 -21.49 -1.86
C LEU A 324 17.52 -22.13 -0.69
N ARG A 325 18.24 -22.85 0.16
CA ARG A 325 17.62 -23.46 1.31
C ARG A 325 17.51 -22.50 2.51
N THR A 326 17.90 -21.25 2.31
CA THR A 326 17.82 -20.21 3.35
C THR A 326 16.56 -19.34 3.23
N ARG A 327 15.78 -19.27 4.32
CA ARG A 327 14.58 -18.43 4.37
C ARG A 327 14.90 -16.98 3.97
N GLY A 328 14.10 -16.43 3.06
CA GLY A 328 14.22 -15.03 2.64
C GLY A 328 15.19 -14.76 1.49
N ALA A 329 15.94 -15.80 1.09
CA ALA A 329 16.97 -15.68 0.04
C ALA A 329 16.45 -15.33 -1.35
N PHE A 330 15.23 -15.78 -1.68
CA PHE A 330 14.67 -15.38 -2.99
C PHE A 330 13.87 -14.10 -2.78
N GLU A 331 14.49 -12.96 -3.08
CA GLU A 331 13.86 -11.67 -2.81
C GLU A 331 12.68 -11.41 -3.72
N THR A 332 11.67 -10.68 -3.22
CA THR A 332 10.55 -10.33 -4.11
C THR A 332 11.01 -9.60 -5.39
N ARG A 333 12.03 -8.76 -5.27
CA ARG A 333 12.57 -8.06 -6.45
C ARG A 333 13.10 -9.03 -7.51
N PHE A 334 13.59 -10.20 -7.09
CA PHE A 334 14.01 -11.24 -8.05
C PHE A 334 12.82 -11.72 -8.84
N VAL A 335 11.63 -11.80 -8.23
CA VAL A 335 10.43 -12.25 -8.95
C VAL A 335 10.11 -11.28 -10.11
N SER A 336 10.14 -9.98 -9.82
CA SER A 336 9.94 -8.96 -10.87
C SER A 336 11.00 -9.02 -11.98
N GLN A 337 12.25 -9.17 -11.55
CA GLN A 337 13.39 -9.29 -12.51
C GLN A 337 13.29 -10.53 -13.41
N VAL A 338 12.99 -11.69 -12.82
CA VAL A 338 12.79 -12.91 -13.61
C VAL A 338 11.70 -12.70 -14.70
N GLU A 339 10.58 -12.06 -14.31
CA GLU A 339 9.47 -11.90 -15.23
C GLU A 339 9.69 -10.79 -16.27
N SER A 340 10.73 -9.99 -16.06
CA SER A 340 11.21 -8.97 -16.99
C SER A 340 12.18 -9.50 -18.07
N ASP A 341 12.66 -10.73 -17.89
CA ASP A 341 13.61 -11.33 -18.84
C ASP A 341 13.10 -11.32 -20.29
N THR A 342 13.97 -10.90 -21.22
CA THR A 342 13.62 -10.70 -22.64
C THR A 342 13.38 -11.99 -23.44
N GLY A 343 13.81 -13.12 -22.89
CA GLY A 343 13.71 -14.39 -23.58
C GLY A 343 15.05 -15.10 -23.72
N ASP A 344 16.16 -14.36 -23.56
CA ASP A 344 17.49 -14.98 -23.60
C ASP A 344 17.93 -15.64 -22.28
N ARG A 345 17.12 -15.45 -21.23
CA ARG A 345 17.34 -16.03 -19.89
C ARG A 345 18.56 -15.51 -19.15
N LYS A 346 19.19 -14.45 -19.67
CA LYS A 346 20.40 -13.92 -19.08
C LYS A 346 20.20 -13.34 -17.68
N GLN A 347 19.17 -12.51 -17.53
CA GLN A 347 18.79 -12.00 -16.21
C GLN A 347 18.42 -13.12 -15.21
N ILE A 348 17.66 -14.12 -15.66
CA ILE A 348 17.31 -15.27 -14.81
C ILE A 348 18.57 -16.03 -14.33
N TYR A 349 19.43 -16.40 -15.28
CA TYR A 349 20.70 -17.06 -14.96
C TYR A 349 21.50 -16.29 -13.89
N ASN A 350 21.60 -14.97 -14.06
CA ASN A 350 22.45 -14.18 -13.16
C ASN A 350 21.97 -14.15 -11.70
N ILE A 351 20.64 -14.11 -11.54
CA ILE A 351 19.99 -14.27 -10.22
C ILE A 351 20.30 -15.66 -9.61
N LEU A 352 20.08 -16.70 -10.40
CA LEU A 352 20.26 -18.07 -9.92
C LEU A 352 21.73 -18.36 -9.60
N SER A 353 22.62 -17.86 -10.46
CA SER A 353 24.07 -17.88 -10.24
C SER A 353 24.46 -17.25 -8.89
N THR A 354 23.95 -16.06 -8.59
CA THR A 354 24.27 -15.40 -7.32
C THR A 354 23.78 -16.21 -6.10
N LEU A 355 22.74 -17.00 -6.32
CA LEU A 355 22.20 -17.90 -5.28
C LEU A 355 22.89 -19.28 -5.27
N GLY A 356 24.01 -19.39 -5.99
CA GLY A 356 24.89 -20.58 -5.90
C GLY A 356 24.53 -21.75 -6.79
N LEU A 357 23.73 -21.47 -7.84
CA LEU A 357 23.22 -22.50 -8.73
C LEU A 357 23.82 -22.34 -10.12
N ARG A 358 23.80 -23.42 -10.89
CA ARG A 358 24.26 -23.37 -12.27
C ARG A 358 23.09 -23.87 -13.12
N PRO A 359 22.13 -22.99 -13.43
CA PRO A 359 20.90 -23.48 -14.07
C PRO A 359 21.10 -23.82 -15.55
N SER A 360 20.39 -24.84 -16.01
CA SER A 360 20.24 -25.15 -17.43
C SER A 360 19.24 -24.17 -18.07
N THR A 361 19.05 -24.23 -19.38
CA THR A 361 18.07 -23.36 -20.03
C THR A 361 16.65 -23.72 -19.57
N THR A 362 16.39 -25.02 -19.44
CA THR A 362 15.11 -25.52 -18.94
C THR A 362 14.86 -25.06 -17.51
N ASP A 363 15.90 -25.14 -16.67
CA ASP A 363 15.82 -24.66 -15.28
C ASP A 363 15.33 -23.18 -15.24
N CYS A 364 15.98 -22.35 -16.05
CA CYS A 364 15.65 -20.93 -16.12
C CYS A 364 14.16 -20.71 -16.50
N ASP A 365 13.67 -21.49 -17.48
CA ASP A 365 12.27 -21.37 -17.94
C ASP A 365 11.25 -21.82 -16.90
N ILE A 366 11.57 -22.90 -16.19
CA ILE A 366 10.78 -23.36 -15.04
C ILE A 366 10.70 -22.30 -13.94
N VAL A 367 11.84 -21.69 -13.62
CA VAL A 367 11.88 -20.62 -12.62
C VAL A 367 10.97 -19.47 -13.06
N ARG A 368 11.01 -19.12 -14.35
CA ARG A 368 10.12 -18.07 -14.85
C ARG A 368 8.63 -18.42 -14.69
N ARG A 369 8.26 -19.66 -15.03
CA ARG A 369 6.90 -20.16 -14.80
C ARG A 369 6.47 -20.18 -13.32
N ALA A 370 7.40 -20.55 -12.42
CA ALA A 370 7.11 -20.54 -10.97
C ALA A 370 6.79 -19.10 -10.50
N CYS A 371 7.60 -18.14 -10.96
CA CYS A 371 7.36 -16.72 -10.66
C CYS A 371 6.01 -16.23 -11.18
N GLU A 372 5.74 -16.51 -12.46
CA GLU A 372 4.46 -16.15 -13.08
C GLU A 372 3.30 -16.74 -12.31
N SER A 373 3.42 -18.02 -11.92
CA SER A 373 2.36 -18.67 -11.16
C SER A 373 2.03 -17.95 -9.82
N VAL A 374 3.05 -17.62 -9.04
CA VAL A 374 2.88 -16.97 -7.75
C VAL A 374 2.34 -15.54 -7.94
N SER A 375 2.93 -14.80 -8.87
CA SER A 375 2.54 -13.39 -9.08
C SER A 375 1.13 -13.26 -9.67
N THR A 376 0.77 -14.17 -10.58
CA THR A 376 -0.58 -14.17 -11.20
C THR A 376 -1.64 -14.47 -10.13
N ARG A 377 -1.38 -15.47 -9.28
CA ARG A 377 -2.27 -15.69 -8.15
C ARG A 377 -2.44 -14.45 -7.22
N ALA A 378 -1.34 -13.77 -6.89
CA ALA A 378 -1.39 -12.54 -6.10
C ALA A 378 -2.31 -11.51 -6.80
N ALA A 379 -2.12 -11.30 -8.10
CA ALA A 379 -2.99 -10.37 -8.88
C ALA A 379 -4.48 -10.76 -8.83
N HIS A 380 -4.77 -12.04 -9.06
CA HIS A 380 -6.15 -12.54 -9.00
C HIS A 380 -6.75 -12.39 -7.61
N MET A 381 -6.02 -12.81 -6.56
CA MET A 381 -6.57 -12.64 -5.18
C MET A 381 -6.87 -11.16 -4.86
N CYS A 382 -5.92 -10.30 -5.26
CA CYS A 382 -6.06 -8.85 -5.08
C CYS A 382 -7.30 -8.32 -5.82
N SER A 383 -7.52 -8.80 -7.05
CA SER A 383 -8.61 -8.36 -7.90
C SER A 383 -10.00 -8.67 -7.26
N ALA A 384 -10.11 -9.82 -6.60
CA ALA A 384 -11.36 -10.21 -5.91
C ALA A 384 -11.69 -9.25 -4.77
N GLY A 385 -10.68 -8.85 -4.02
CA GLY A 385 -10.86 -7.86 -2.93
C GLY A 385 -11.34 -6.52 -3.48
N LEU A 386 -10.63 -6.00 -4.48
CA LEU A 386 -11.04 -4.66 -5.04
C LEU A 386 -12.43 -4.71 -5.71
N ALA A 387 -12.69 -5.79 -6.45
CA ALA A 387 -14.02 -6.04 -7.01
C ALA A 387 -15.11 -6.05 -5.94
N GLY A 388 -14.83 -6.68 -4.80
CA GLY A 388 -15.76 -6.65 -3.67
C GLY A 388 -16.10 -5.23 -3.22
N VAL A 389 -15.07 -4.42 -3.01
CA VAL A 389 -15.24 -3.03 -2.62
C VAL A 389 -16.05 -2.23 -3.67
N ILE A 390 -15.65 -2.32 -4.92
CA ILE A 390 -16.29 -1.60 -6.03
C ILE A 390 -17.76 -2.00 -6.24
N ASN A 391 -18.03 -3.31 -6.21
CA ASN A 391 -19.41 -3.79 -6.39
C ASN A 391 -20.31 -3.38 -5.24
N ARG A 392 -19.75 -3.35 -4.04
CA ARG A 392 -20.47 -2.87 -2.85
C ARG A 392 -20.85 -1.38 -2.95
N MET A 393 -19.89 -0.54 -3.37
CA MET A 393 -20.14 0.89 -3.60
C MET A 393 -21.25 1.11 -4.65
N ARG A 394 -21.22 0.34 -5.74
CA ARG A 394 -22.22 0.44 -6.81
C ARG A 394 -23.60 0.12 -6.24
N GLU A 395 -23.69 -0.97 -5.48
CA GLU A 395 -24.92 -1.38 -4.81
C GLU A 395 -25.42 -0.32 -3.81
N SER A 396 -24.51 0.20 -2.99
CA SER A 396 -24.79 1.25 -2.01
C SER A 396 -25.33 2.56 -2.59
N ARG A 397 -25.18 2.74 -3.91
CA ARG A 397 -25.46 4.02 -4.56
C ARG A 397 -26.30 3.94 -5.83
N SER A 398 -26.44 2.75 -6.40
CA SER A 398 -26.65 2.64 -7.86
C SER A 398 -27.77 3.48 -8.45
N GLU A 399 -27.31 4.33 -9.37
CA GLU A 399 -28.10 4.83 -10.45
C GLU A 399 -27.26 4.43 -11.67
N ASP A 400 -27.31 3.12 -11.97
CA ASP A 400 -26.89 2.45 -13.24
C ASP A 400 -25.46 1.88 -13.40
N VAL A 401 -24.68 2.43 -14.34
CA VAL A 401 -23.28 2.07 -14.54
C VAL A 401 -22.44 2.96 -13.61
N MET A 402 -21.68 2.34 -12.70
CA MET A 402 -20.85 3.16 -11.81
C MET A 402 -19.49 3.48 -12.43
N ARG A 403 -19.22 4.77 -12.57
CA ARG A 403 -17.93 5.24 -13.07
C ARG A 403 -17.04 5.73 -11.93
N ILE A 404 -15.92 5.06 -11.74
CA ILE A 404 -15.11 5.27 -10.52
C ILE A 404 -13.61 5.28 -10.80
N THR A 405 -12.88 6.12 -10.06
CA THR A 405 -11.45 6.18 -10.19
C THR A 405 -10.81 5.57 -8.94
N VAL A 406 -9.86 4.68 -9.18
CA VAL A 406 -9.11 3.97 -8.12
C VAL A 406 -7.65 4.45 -8.18
N GLY A 407 -7.17 4.97 -7.04
CA GLY A 407 -5.77 5.38 -6.93
C GLY A 407 -4.94 4.24 -6.34
N VAL A 408 -3.80 3.95 -6.95
CA VAL A 408 -2.94 2.80 -6.55
C VAL A 408 -1.46 3.17 -6.38
N ASP A 409 -0.81 2.64 -5.32
CA ASP A 409 0.65 2.75 -5.20
C ASP A 409 1.21 1.42 -4.69
N GLY A 410 2.53 1.36 -4.54
CA GLY A 410 3.19 0.19 -3.99
C GLY A 410 4.18 -0.46 -4.95
N SER A 411 5.23 -1.05 -4.38
CA SER A 411 6.34 -1.60 -5.16
C SER A 411 5.91 -2.71 -6.12
N VAL A 412 5.07 -3.64 -5.65
CA VAL A 412 4.61 -4.75 -6.53
C VAL A 412 3.78 -4.19 -7.70
N TYR A 413 2.82 -3.31 -7.40
CA TYR A 413 1.94 -2.76 -8.44
C TYR A 413 2.74 -1.98 -9.48
N LYS A 414 3.71 -1.20 -9.01
CA LYS A 414 4.48 -0.33 -9.91
C LYS A 414 5.67 -0.99 -10.64
N LEU A 415 6.36 -1.92 -9.99
CA LEU A 415 7.61 -2.43 -10.53
C LEU A 415 7.48 -3.78 -11.17
N HIS A 416 6.47 -4.54 -10.78
CA HIS A 416 6.36 -5.88 -11.33
C HIS A 416 5.84 -5.81 -12.76
N PRO A 417 6.55 -6.45 -13.72
CA PRO A 417 6.27 -6.14 -15.16
C PRO A 417 4.86 -6.44 -15.70
N SER A 418 4.13 -7.35 -15.06
CA SER A 418 2.82 -7.76 -15.59
C SER A 418 1.72 -7.82 -14.55
N PHE A 419 2.05 -7.57 -13.27
CA PHE A 419 1.05 -7.64 -12.20
C PHE A 419 -0.12 -6.70 -12.50
N LYS A 420 0.20 -5.47 -12.86
CA LYS A 420 -0.81 -4.43 -13.09
C LYS A 420 -1.81 -4.82 -14.19
N GLU A 421 -1.28 -5.32 -15.29
CA GLU A 421 -2.09 -5.73 -16.43
C GLU A 421 -3.02 -6.89 -16.05
N ARG A 422 -2.49 -7.87 -15.32
CA ARG A 422 -3.26 -9.04 -14.93
C ARG A 422 -4.34 -8.63 -13.91
N PHE A 423 -3.96 -7.76 -13.00
CA PHE A 423 -4.84 -7.26 -11.95
C PHE A 423 -6.01 -6.45 -12.58
N HIS A 424 -5.69 -5.51 -13.47
CA HIS A 424 -6.72 -4.70 -14.13
C HIS A 424 -7.71 -5.57 -14.91
N ALA A 425 -7.20 -6.56 -15.65
CA ALA A 425 -8.04 -7.44 -16.46
C ALA A 425 -9.00 -8.25 -15.59
N SER A 426 -8.51 -8.77 -14.45
CA SER A 426 -9.33 -9.58 -13.57
C SER A 426 -10.37 -8.72 -12.81
N VAL A 427 -9.97 -7.55 -12.29
CA VAL A 427 -10.93 -6.65 -11.61
C VAL A 427 -12.08 -6.36 -12.57
N ARG A 428 -11.76 -6.07 -13.83
CA ARG A 428 -12.79 -5.66 -14.81
C ARG A 428 -13.77 -6.78 -15.15
N ARG A 429 -13.26 -8.00 -15.28
CA ARG A 429 -14.13 -9.16 -15.46
C ARG A 429 -15.11 -9.32 -14.29
N LEU A 430 -14.71 -8.93 -13.07
CA LEU A 430 -15.53 -9.14 -11.89
C LEU A 430 -16.47 -7.96 -11.59
N THR A 431 -16.33 -6.88 -12.36
CA THR A 431 -17.12 -5.66 -12.13
C THR A 431 -17.86 -5.21 -13.42
N PRO A 432 -18.74 -6.10 -13.94
CA PRO A 432 -19.42 -5.88 -15.22
C PRO A 432 -20.07 -4.49 -15.36
N SER A 433 -20.80 -4.02 -14.35
CA SER A 433 -21.54 -2.76 -14.51
C SER A 433 -20.77 -1.54 -13.99
N CYS A 434 -19.44 -1.60 -14.03
CA CYS A 434 -18.62 -0.48 -13.60
C CYS A 434 -17.62 -0.11 -14.68
N GLU A 435 -17.37 1.19 -14.83
CA GLU A 435 -16.26 1.69 -15.62
C GLU A 435 -15.16 2.23 -14.67
N ILE A 436 -14.05 1.50 -14.59
CA ILE A 436 -12.97 1.81 -13.64
C ILE A 436 -11.79 2.46 -14.35
N THR A 437 -11.37 3.62 -13.83
CA THR A 437 -10.14 4.27 -14.25
C THR A 437 -9.13 4.07 -13.11
N PHE A 438 -7.96 3.51 -13.40
CA PHE A 438 -6.85 3.42 -12.45
C PHE A 438 -5.90 4.58 -12.66
N ILE A 439 -5.40 5.14 -11.55
CA ILE A 439 -4.46 6.26 -11.60
C ILE A 439 -3.39 6.06 -10.53
N GLU A 440 -2.19 6.55 -10.84
CA GLU A 440 -1.06 6.66 -9.93
C GLU A 440 -0.78 8.16 -9.86
N SER A 441 -0.65 8.68 -8.65
CA SER A 441 -0.39 10.12 -8.51
C SER A 441 1.02 10.48 -9.03
N GLU A 442 1.14 11.70 -9.54
CA GLU A 442 2.45 12.24 -9.90
C GLU A 442 2.84 13.38 -8.95
N GLU A 443 4.14 13.62 -8.85
CA GLU A 443 4.68 14.67 -7.98
C GLU A 443 4.18 16.07 -8.32
N GLY A 444 4.16 16.38 -9.63
CA GLY A 444 3.73 17.68 -10.09
C GLY A 444 4.49 18.76 -9.35
N SER A 445 3.77 19.78 -8.89
CA SER A 445 4.36 20.89 -8.13
C SER A 445 4.27 20.64 -6.61
N GLY A 446 3.88 19.43 -6.23
CA GLY A 446 3.73 19.06 -4.82
C GLY A 446 2.36 19.44 -4.23
N ARG A 447 1.38 19.81 -5.08
CA ARG A 447 0.05 20.23 -4.58
C ARG A 447 -0.84 19.06 -4.10
N GLY A 448 -0.61 17.87 -4.66
CA GLY A 448 -1.29 16.65 -4.22
C GLY A 448 -0.87 16.30 -2.79
N ALA A 449 0.45 16.34 -2.54
CA ALA A 449 1.01 16.15 -1.18
C ALA A 449 0.49 17.24 -0.23
N ALA A 450 0.39 18.48 -0.72
CA ALA A 450 -0.17 19.55 0.11
C ALA A 450 -1.59 19.22 0.56
N LEU A 451 -2.37 18.57 -0.31
CA LEU A 451 -3.76 18.25 0.03
C LEU A 451 -3.79 17.14 1.09
N VAL A 452 -2.87 16.19 0.97
CA VAL A 452 -2.76 15.15 2.01
C VAL A 452 -2.51 15.81 3.38
N SER A 453 -1.55 16.73 3.43
CA SER A 453 -1.24 17.46 4.70
C SER A 453 -2.37 18.36 5.17
N ALA A 454 -3.08 19.03 4.25
CA ALA A 454 -4.25 19.84 4.64
C ALA A 454 -5.27 18.93 5.33
N VAL A 455 -5.51 17.74 4.75
CA VAL A 455 -6.52 16.84 5.32
C VAL A 455 -6.01 16.34 6.69
N ALA A 456 -4.75 15.91 6.75
CA ALA A 456 -4.16 15.43 8.04
C ALA A 456 -4.31 16.48 9.15
N CYS A 457 -4.00 17.74 8.82
CA CYS A 457 -4.05 18.85 9.81
C CYS A 457 -5.47 19.23 10.22
N LYS A 458 -6.39 19.27 9.25
CA LYS A 458 -7.79 19.59 9.50
C LYS A 458 -8.48 18.45 10.27
N LYS A 459 -8.09 17.20 9.98
CA LYS A 459 -8.59 16.08 10.77
C LYS A 459 -8.14 16.22 12.23
N ALA A 460 -6.86 16.51 12.45
CA ALA A 460 -6.35 16.68 13.83
C ALA A 460 -7.12 17.80 14.54
N CYS A 461 -7.40 18.88 13.80
CA CYS A 461 -8.21 20.00 14.32
C CYS A 461 -9.58 19.56 14.81
N MET A 462 -10.31 18.87 13.92
CA MET A 462 -11.67 18.37 14.17
C MET A 462 -11.71 17.40 15.36
N LEU A 463 -10.65 16.57 15.50
CA LEU A 463 -10.54 15.62 16.61
C LEU A 463 -10.06 16.25 17.94
N GLY A 464 -9.85 17.56 17.96
CA GLY A 464 -9.30 18.27 19.13
C GLY A 464 -7.87 17.93 19.51
N GLN A 465 -7.04 17.56 18.53
CA GLN A 465 -5.66 17.16 18.82
C GLN A 465 -4.63 18.28 18.69
N LEU A 466 -5.08 19.47 18.30
CA LEU A 466 -4.13 20.56 18.15
C LEU A 466 -4.00 21.27 19.50
N GLU A 467 -2.78 21.37 19.99
CA GLU A 467 -2.54 22.03 21.27
C GLU A 467 -2.42 23.56 21.12
N HIS A 468 -2.30 24.03 19.88
CA HIS A 468 -2.25 25.47 19.58
C HIS A 468 -3.30 25.99 18.57
N HIS A 469 -4.26 25.15 18.16
CA HIS A 469 -5.27 25.53 17.14
C HIS A 469 -6.69 24.97 17.35
#